data_3VU4
#
_entry.id   3VU4
#
_cell.length_a   140.270
_cell.length_b   140.270
_cell.length_c   251.270
_cell.angle_alpha   90.00
_cell.angle_beta   90.00
_cell.angle_gamma   120.00
#
_symmetry.space_group_name_H-M   'P 65 2 2'
#
loop_
_entity.id
_entity.type
_entity.pdbx_description
1 polymer KmHsv2
2 non-polymer 'SULFATE ION'
3 water water
#
_entity_poly.entity_id   1
_entity_poly.type   'polypeptide(L)'
_entity_poly.pdbx_seq_one_letter_code
;GPLGSMITRNPIVPENHVSNPVTDYEFNQDQSCLILSTLKSFEIYNVHPVAHIMSQEMRHLSKVRMLHRTNYVAFVTGVK
EVVHIWDDVKKQDVSRIKVDAPVKDLFLSREFIVVSYGDVISVFKFGNPWKRITDDIRFGGVCEFSNGLLVYSNEFNLGQ
IHITKLQSSGSATTQDQGVQQKAILGKGVLIKAHTNPIKMVRLNRKSDMVATCSQDGTIIRVFKTEDGVLVREFRRGLDR
ADVVDMKWSTDGSKLAVVSDKWTLHVFEIFNDQDNKRHALKGWINMKYFQSEWSLCNFKLSVDKHVRGCKIAWISESSLV
VVWPHTRMIETFKVVFDDEMERWLIQMDQREQLMI
;
_entity_poly.pdbx_strand_id   A,B
#
# COMPACT_ATOMS: atom_id res chain seq x y z
N SER A 19 29.27 -18.01 -4.34
CA SER A 19 28.55 -17.96 -3.03
C SER A 19 28.41 -16.52 -2.51
N ASN A 20 28.62 -15.56 -3.41
CA ASN A 20 28.49 -14.14 -3.10
C ASN A 20 27.32 -13.70 -3.97
N PRO A 21 26.09 -14.01 -3.52
CA PRO A 21 24.83 -13.71 -4.20
C PRO A 21 24.49 -12.23 -4.36
N VAL A 22 23.85 -11.92 -5.49
CA VAL A 22 23.41 -10.57 -5.76
C VAL A 22 22.23 -10.33 -4.80
N THR A 23 22.27 -9.24 -4.06
CA THR A 23 21.19 -8.96 -3.12
C THR A 23 20.19 -7.95 -3.67
N ASP A 24 20.56 -7.31 -4.78
CA ASP A 24 19.71 -6.33 -5.44
C ASP A 24 20.44 -5.81 -6.66
N TYR A 25 19.67 -5.38 -7.65
CA TYR A 25 20.22 -4.84 -8.89
C TYR A 25 19.17 -3.97 -9.51
N GLU A 26 19.59 -2.94 -10.24
CA GLU A 26 18.64 -2.03 -10.85
C GLU A 26 19.35 -1.18 -11.90
N PHE A 27 18.61 -0.75 -12.93
CA PHE A 27 19.16 0.08 -14.00
C PHE A 27 19.07 1.54 -13.60
N ASN A 28 19.88 2.40 -14.22
CA ASN A 28 19.78 3.83 -13.90
C ASN A 28 18.63 4.37 -14.76
N GLN A 29 18.16 5.56 -14.44
CA GLN A 29 17.02 6.17 -15.11
C GLN A 29 16.91 6.11 -16.65
N ASP A 30 18.03 6.04 -17.38
CA ASP A 30 17.94 5.96 -18.83
C ASP A 30 18.40 4.60 -19.37
N GLN A 31 18.54 3.63 -18.47
CA GLN A 31 18.97 2.28 -18.83
C GLN A 31 20.28 2.17 -19.59
N SER A 32 21.27 2.96 -19.21
CA SER A 32 22.55 2.89 -19.89
C SER A 32 23.53 2.23 -18.92
N CYS A 33 23.10 2.12 -17.66
CA CYS A 33 23.91 1.51 -16.61
C CYS A 33 23.07 0.63 -15.70
N LEU A 34 23.76 -0.31 -15.05
CA LEU A 34 23.14 -1.24 -14.11
C LEU A 34 23.99 -1.21 -12.86
N ILE A 35 23.34 -1.10 -11.70
CA ILE A 35 24.09 -1.12 -10.46
C ILE A 35 23.65 -2.40 -9.76
N LEU A 36 24.61 -3.04 -9.10
CA LEU A 36 24.31 -4.29 -8.46
C LEU A 36 25.05 -4.45 -7.13
N SER A 37 24.43 -5.16 -6.19
CA SER A 37 25.03 -5.37 -4.89
C SER A 37 25.17 -6.84 -4.51
N THR A 38 26.19 -7.14 -3.72
CA THR A 38 26.47 -8.49 -3.25
C THR A 38 26.64 -8.40 -1.75
N LEU A 39 27.09 -9.50 -1.14
CA LEU A 39 27.30 -9.53 0.30
C LEU A 39 28.54 -8.73 0.66
N LYS A 40 29.41 -8.55 -0.33
CA LYS A 40 30.68 -7.87 -0.14
C LYS A 40 30.85 -6.51 -0.81
N SER A 41 30.01 -6.16 -1.78
CA SER A 41 30.17 -4.86 -2.45
C SER A 41 29.02 -4.51 -3.38
N PHE A 42 29.18 -3.39 -4.07
CA PHE A 42 28.20 -2.96 -5.07
C PHE A 42 29.02 -2.69 -6.32
N GLU A 43 28.47 -3.06 -7.48
CA GLU A 43 29.17 -2.91 -8.74
C GLU A 43 28.29 -2.13 -9.69
N ILE A 44 28.90 -1.46 -10.65
CA ILE A 44 28.17 -0.69 -11.64
C ILE A 44 28.71 -1.03 -13.02
N TYR A 45 27.82 -1.24 -13.97
CA TYR A 45 28.22 -1.57 -15.34
C TYR A 45 27.51 -0.71 -16.36
N ASN A 46 28.03 -0.74 -17.58
CA ASN A 46 27.41 -0.05 -18.69
C ASN A 46 26.61 -1.20 -19.28
N VAL A 47 25.39 -0.96 -19.71
CA VAL A 47 24.59 -2.05 -20.28
C VAL A 47 24.90 -2.29 -21.76
N HIS A 48 25.20 -1.23 -22.51
CA HIS A 48 25.52 -1.42 -23.91
C HIS A 48 26.52 -0.42 -24.48
N PRO A 49 27.74 -0.90 -24.79
CA PRO A 49 28.12 -2.30 -24.60
C PRO A 49 28.32 -2.62 -23.14
N VAL A 50 28.14 -3.88 -22.79
CA VAL A 50 28.31 -4.32 -21.42
C VAL A 50 29.76 -4.08 -21.00
N ALA A 51 29.95 -3.36 -19.90
CA ALA A 51 31.28 -3.06 -19.40
C ALA A 51 31.27 -2.74 -17.91
N HIS A 52 32.21 -3.33 -17.17
CA HIS A 52 32.29 -3.10 -15.73
C HIS A 52 32.99 -1.76 -15.57
N ILE A 53 32.33 -0.81 -14.92
CA ILE A 53 32.93 0.50 -14.75
C ILE A 53 33.28 0.88 -13.32
N MET A 54 32.86 0.06 -12.35
CA MET A 54 33.18 0.38 -10.97
C MET A 54 32.86 -0.69 -9.94
N SER A 55 33.70 -0.77 -8.92
CA SER A 55 33.55 -1.70 -7.82
C SER A 55 33.73 -0.91 -6.53
N GLN A 56 33.10 -1.36 -5.45
CA GLN A 56 33.20 -0.67 -4.18
C GLN A 56 32.83 -1.59 -3.04
N GLU A 57 33.77 -1.86 -2.16
CA GLU A 57 33.47 -2.75 -1.04
C GLU A 57 32.53 -2.13 -0.04
N MET A 58 31.66 -2.97 0.49
CA MET A 58 30.67 -2.56 1.46
C MET A 58 29.85 -3.80 1.76
N ARG A 59 29.50 -4.00 3.03
CA ARG A 59 28.73 -5.18 3.41
C ARG A 59 27.33 -4.81 3.84
N HIS A 60 26.46 -5.81 3.91
CA HIS A 60 25.07 -5.62 4.34
C HIS A 60 24.19 -4.95 3.28
N LEU A 61 24.73 -4.69 2.11
CA LEU A 61 23.95 -4.05 1.05
C LEU A 61 22.69 -4.84 0.80
N SER A 62 21.56 -4.18 1.05
CA SER A 62 20.25 -4.78 0.90
C SER A 62 19.50 -4.24 -0.32
N LYS A 63 19.82 -3.00 -0.68
CA LYS A 63 19.18 -2.33 -1.80
C LYS A 63 20.14 -1.28 -2.36
N VAL A 64 20.16 -1.12 -3.68
CA VAL A 64 21.08 -0.17 -4.28
C VAL A 64 20.48 0.55 -5.51
N ARG A 65 20.72 1.86 -5.60
CA ARG A 65 20.22 2.68 -6.70
C ARG A 65 21.29 3.66 -7.16
N MET A 66 21.17 4.15 -8.39
CA MET A 66 22.13 5.13 -8.87
C MET A 66 21.42 6.30 -9.54
N LEU A 67 22.07 7.45 -9.58
CA LEU A 67 21.48 8.64 -10.19
C LEU A 67 22.16 8.98 -11.51
N HIS A 68 21.49 8.68 -12.60
CA HIS A 68 22.03 8.95 -13.94
C HIS A 68 23.43 8.36 -14.08
N ARG A 69 24.42 9.23 -14.30
CA ARG A 69 25.79 8.78 -14.43
C ARG A 69 26.67 9.57 -13.48
N THR A 70 26.04 10.16 -12.46
CA THR A 70 26.74 10.95 -11.46
C THR A 70 27.57 10.09 -10.52
N ASN A 71 28.10 10.72 -9.47
CA ASN A 71 28.93 10.02 -8.50
C ASN A 71 28.08 9.64 -7.30
N TYR A 72 26.76 9.81 -7.44
CA TYR A 72 25.86 9.48 -6.34
C TYR A 72 25.10 8.18 -6.50
N VAL A 73 24.96 7.47 -5.39
CA VAL A 73 24.25 6.21 -5.36
C VAL A 73 23.52 6.22 -4.02
N ALA A 74 22.48 5.41 -3.90
CA ALA A 74 21.72 5.32 -2.68
C ALA A 74 21.64 3.85 -2.31
N PHE A 75 21.69 3.54 -1.02
CA PHE A 75 21.60 2.16 -0.60
C PHE A 75 21.09 1.98 0.82
N VAL A 76 20.64 0.76 1.11
CA VAL A 76 20.13 0.40 2.42
C VAL A 76 21.03 -0.75 2.85
N THR A 77 21.40 -0.78 4.13
CA THR A 77 22.28 -1.83 4.61
C THR A 77 21.57 -2.70 5.65
N GLY A 78 22.20 -2.85 6.81
CA GLY A 78 21.61 -3.67 7.86
C GLY A 78 20.31 -3.06 8.31
N VAL A 79 20.38 -1.80 8.73
CA VAL A 79 19.22 -1.07 9.19
C VAL A 79 18.34 -0.76 7.97
N LYS A 80 17.26 -1.53 7.85
CA LYS A 80 16.32 -1.43 6.74
C LYS A 80 15.61 -0.09 6.56
N GLU A 81 15.47 0.68 7.63
CA GLU A 81 14.77 1.96 7.51
C GLU A 81 15.63 3.16 7.20
N VAL A 82 16.89 2.93 6.84
CA VAL A 82 17.79 4.03 6.52
C VAL A 82 18.29 3.99 5.08
N VAL A 83 18.19 5.12 4.41
CA VAL A 83 18.65 5.23 3.02
C VAL A 83 19.87 6.14 2.95
N HIS A 84 21.00 5.57 2.55
CA HIS A 84 22.23 6.33 2.47
C HIS A 84 22.49 6.92 1.10
N ILE A 85 22.68 8.24 1.04
CA ILE A 85 23.02 8.86 -0.23
C ILE A 85 24.53 8.86 -0.13
N TRP A 86 25.20 8.15 -1.04
CA TRP A 86 26.66 8.01 -1.01
C TRP A 86 27.36 8.58 -2.23
N ASP A 87 28.58 9.07 -2.01
CA ASP A 87 29.39 9.65 -3.08
C ASP A 87 30.37 8.61 -3.61
N ASP A 88 30.32 8.37 -4.91
CA ASP A 88 31.18 7.41 -5.58
C ASP A 88 32.66 7.71 -5.51
N VAL A 89 33.04 8.86 -6.07
CA VAL A 89 34.43 9.30 -6.11
C VAL A 89 35.00 9.70 -4.75
N LYS A 90 34.17 10.24 -3.87
CA LYS A 90 34.63 10.63 -2.54
C LYS A 90 34.41 9.55 -1.49
N LYS A 91 33.87 8.40 -1.91
CA LYS A 91 33.60 7.29 -0.99
C LYS A 91 33.10 7.81 0.35
N GLN A 92 32.10 8.68 0.32
CA GLN A 92 31.61 9.28 1.54
C GLN A 92 30.10 9.41 1.58
N ASP A 93 29.52 9.20 2.75
CA ASP A 93 28.07 9.33 2.92
C ASP A 93 27.82 10.84 2.84
N VAL A 94 26.97 11.27 1.93
CA VAL A 94 26.67 12.70 1.80
C VAL A 94 25.34 12.99 2.46
N SER A 95 24.70 11.95 2.99
CA SER A 95 23.41 12.12 3.64
C SER A 95 22.81 10.79 4.12
N ARG A 96 21.92 10.89 5.11
CA ARG A 96 21.23 9.75 5.67
C ARG A 96 19.77 10.20 5.76
N ILE A 97 18.85 9.29 5.48
CA ILE A 97 17.44 9.61 5.55
C ILE A 97 16.78 8.41 6.19
N LYS A 98 15.95 8.64 7.20
CA LYS A 98 15.31 7.54 7.90
C LYS A 98 13.80 7.58 7.82
N VAL A 99 13.19 6.40 7.71
CA VAL A 99 11.75 6.30 7.64
C VAL A 99 11.25 5.39 8.75
N ASP A 100 9.95 5.41 9.01
CA ASP A 100 9.37 4.60 10.09
C ASP A 100 9.26 3.10 9.88
N ALA A 101 9.32 2.65 8.64
CA ALA A 101 9.24 1.22 8.36
C ALA A 101 10.34 0.87 7.37
N PRO A 102 10.58 -0.44 7.14
CA PRO A 102 11.65 -0.83 6.20
C PRO A 102 11.42 -0.23 4.81
N VAL A 103 12.48 0.22 4.16
CA VAL A 103 12.34 0.81 2.84
C VAL A 103 11.96 -0.23 1.79
N LYS A 104 10.90 0.07 1.03
CA LYS A 104 10.41 -0.79 -0.05
C LYS A 104 10.91 -0.24 -1.39
N ASP A 105 10.16 0.69 -1.96
CA ASP A 105 10.56 1.31 -3.22
C ASP A 105 11.49 2.48 -2.97
N LEU A 106 12.37 2.75 -3.94
CA LEU A 106 13.33 3.84 -3.84
C LEU A 106 13.67 4.40 -5.21
N PHE A 107 13.40 5.68 -5.43
CA PHE A 107 13.67 6.35 -6.71
C PHE A 107 14.49 7.62 -6.53
N LEU A 108 15.29 7.94 -7.54
CA LEU A 108 16.14 9.12 -7.50
C LEU A 108 16.08 9.99 -8.76
N SER A 109 16.14 11.31 -8.58
CA SER A 109 16.14 12.26 -9.67
C SER A 109 17.03 13.40 -9.18
N ARG A 110 17.52 14.25 -10.08
CA ARG A 110 18.39 15.35 -9.65
C ARG A 110 17.66 16.26 -8.65
N GLU A 111 16.35 16.10 -8.55
CA GLU A 111 15.54 16.92 -7.66
C GLU A 111 15.01 16.22 -6.42
N PHE A 112 14.48 15.02 -6.62
CA PHE A 112 13.86 14.27 -5.52
C PHE A 112 14.44 12.90 -5.20
N ILE A 113 14.03 12.40 -4.05
CA ILE A 113 14.39 11.08 -3.56
C ILE A 113 13.06 10.50 -3.10
N VAL A 114 12.46 9.63 -3.91
CA VAL A 114 11.19 9.03 -3.56
C VAL A 114 11.46 7.76 -2.75
N VAL A 115 10.80 7.62 -1.61
CA VAL A 115 10.98 6.47 -0.71
C VAL A 115 9.66 5.94 -0.13
N SER A 116 9.38 4.65 -0.31
CA SER A 116 8.16 4.09 0.24
C SER A 116 8.49 3.06 1.29
N TYR A 117 7.61 2.94 2.27
CA TYR A 117 7.79 2.01 3.36
C TYR A 117 6.40 1.82 3.93
N GLY A 118 6.08 0.60 4.34
CA GLY A 118 4.76 0.36 4.87
C GLY A 118 3.79 0.78 3.78
N ASP A 119 2.86 1.66 4.10
CA ASP A 119 1.89 2.11 3.11
C ASP A 119 1.99 3.62 2.90
N VAL A 120 3.23 4.11 2.94
CA VAL A 120 3.50 5.53 2.77
C VAL A 120 4.58 5.79 1.73
N ILE A 121 4.46 6.91 1.02
CA ILE A 121 5.48 7.30 0.05
C ILE A 121 5.95 8.68 0.51
N SER A 122 7.26 8.83 0.69
CA SER A 122 7.82 10.12 1.11
C SER A 122 8.79 10.67 0.08
N VAL A 123 8.66 11.95 -0.21
CA VAL A 123 9.56 12.55 -1.17
C VAL A 123 10.46 13.54 -0.45
N PHE A 124 11.75 13.27 -0.44
CA PHE A 124 12.70 14.17 0.20
C PHE A 124 13.39 14.94 -0.92
N LYS A 125 14.14 15.97 -0.55
CA LYS A 125 14.85 16.77 -1.55
C LYS A 125 16.23 16.18 -1.77
N PHE A 126 16.67 16.13 -3.02
CA PHE A 126 17.99 15.61 -3.28
C PHE A 126 18.95 16.79 -3.18
N GLY A 127 19.34 17.07 -1.94
CA GLY A 127 20.23 18.18 -1.65
C GLY A 127 19.86 18.74 -0.28
N ASN A 128 20.70 19.63 0.25
CA ASN A 128 20.45 20.21 1.56
C ASN A 128 19.12 20.95 1.57
N PRO A 129 18.35 20.83 2.67
CA PRO A 129 18.64 20.07 3.89
C PRO A 129 18.20 18.59 3.90
N TRP A 130 17.92 18.01 2.74
CA TRP A 130 17.49 16.62 2.65
C TRP A 130 16.22 16.34 3.45
N LYS A 131 15.21 17.18 3.25
CA LYS A 131 13.95 17.03 3.98
C LYS A 131 12.77 16.88 3.04
N ARG A 132 11.61 16.49 3.59
CA ARG A 132 10.40 16.30 2.81
C ARG A 132 10.00 17.54 2.02
N ILE A 133 9.87 17.41 0.70
CA ILE A 133 9.47 18.53 -0.13
C ILE A 133 7.94 18.57 -0.22
N THR A 134 7.28 17.54 0.29
CA THR A 134 5.83 17.49 0.22
C THR A 134 5.25 16.56 1.27
N ASP A 135 3.92 16.61 1.45
CA ASP A 135 3.27 15.76 2.44
C ASP A 135 3.38 14.29 2.06
N ASP A 136 3.39 13.43 3.07
CA ASP A 136 3.46 12.00 2.81
C ASP A 136 2.19 11.54 2.13
N ILE A 137 2.34 10.55 1.26
CA ILE A 137 1.21 9.98 0.51
C ILE A 137 0.98 8.54 0.94
N ARG A 138 -0.28 8.11 0.92
CA ARG A 138 -0.64 6.75 1.28
C ARG A 138 -0.99 5.99 0.01
N PHE A 139 -0.31 4.86 -0.20
CA PHE A 139 -0.56 4.06 -1.39
C PHE A 139 -0.84 2.60 -1.02
N GLY A 140 -1.17 1.78 -2.00
CA GLY A 140 -1.49 0.38 -1.73
C GLY A 140 -0.43 -0.64 -2.10
N GLY A 141 0.84 -0.25 -2.16
CA GLY A 141 1.88 -1.20 -2.49
C GLY A 141 2.62 -1.02 -3.80
N VAL A 142 1.98 -0.39 -4.78
CA VAL A 142 2.62 -0.17 -6.08
C VAL A 142 2.93 1.29 -6.35
N CYS A 143 4.14 1.58 -6.80
CA CYS A 143 4.47 2.95 -7.13
C CYS A 143 5.70 3.03 -8.01
N GLU A 144 5.65 3.92 -8.98
CA GLU A 144 6.76 4.11 -9.87
C GLU A 144 6.98 5.60 -10.02
N PHE A 145 8.24 5.99 -10.16
CA PHE A 145 8.56 7.39 -10.33
C PHE A 145 9.56 7.50 -11.45
N SER A 146 9.25 8.34 -12.43
CA SER A 146 10.16 8.52 -13.55
C SER A 146 9.86 9.80 -14.28
N ASN A 147 10.91 10.50 -14.68
CA ASN A 147 10.76 11.73 -15.44
C ASN A 147 9.77 12.70 -14.77
N GLY A 148 9.97 12.98 -13.48
CA GLY A 148 9.10 13.90 -12.77
C GLY A 148 7.65 13.48 -12.53
N LEU A 149 7.29 12.25 -12.86
CA LEU A 149 5.92 11.80 -12.66
C LEU A 149 5.82 10.66 -11.65
N LEU A 150 4.89 10.77 -10.71
CA LEU A 150 4.71 9.74 -9.69
C LEU A 150 3.40 9.00 -9.91
N VAL A 151 3.47 7.67 -9.99
CA VAL A 151 2.29 6.83 -10.16
C VAL A 151 2.25 5.88 -8.98
N TYR A 152 1.11 5.84 -8.29
CA TYR A 152 1.00 4.95 -7.14
C TYR A 152 -0.38 4.32 -6.99
N SER A 153 -0.38 3.12 -6.44
CA SER A 153 -1.58 2.33 -6.19
C SER A 153 -2.43 3.02 -5.12
N ASN A 154 -3.75 3.01 -5.29
CA ASN A 154 -4.61 3.61 -4.28
C ASN A 154 -4.59 2.70 -3.05
N GLU A 155 -4.68 3.30 -1.87
CA GLU A 155 -4.63 2.53 -0.62
C GLU A 155 -5.81 1.59 -0.37
N PHE A 156 -7.01 1.94 -0.85
CA PHE A 156 -8.18 1.09 -0.62
C PHE A 156 -8.54 0.24 -1.83
N ASN A 157 -8.40 0.81 -3.02
CA ASN A 157 -8.71 0.10 -4.26
C ASN A 157 -7.37 -0.23 -4.89
N LEU A 158 -6.92 -1.46 -4.72
CA LEU A 158 -5.62 -1.88 -5.23
C LEU A 158 -5.56 -1.95 -6.76
N GLY A 159 -6.70 -1.79 -7.41
CA GLY A 159 -6.73 -1.82 -8.85
C GLY A 159 -6.77 -0.42 -9.44
N GLN A 160 -6.64 0.59 -8.57
CA GLN A 160 -6.69 1.99 -8.99
C GLN A 160 -5.37 2.72 -8.78
N ILE A 161 -4.96 3.52 -9.77
CA ILE A 161 -3.72 4.28 -9.63
C ILE A 161 -3.93 5.78 -9.73
N HIS A 162 -3.00 6.52 -9.14
CA HIS A 162 -3.03 7.97 -9.11
C HIS A 162 -1.74 8.45 -9.78
N ILE A 163 -1.85 9.42 -10.68
CA ILE A 163 -0.68 9.96 -11.37
C ILE A 163 -0.52 11.41 -10.92
N THR A 164 0.66 11.77 -10.45
CA THR A 164 0.87 13.14 -10.01
C THR A 164 2.22 13.69 -10.44
N LYS A 165 2.23 14.96 -10.81
CA LYS A 165 3.47 15.61 -11.25
C LYS A 165 4.23 16.12 -10.04
N LEU A 166 5.55 16.02 -10.10
CA LEU A 166 6.37 16.50 -8.99
C LEU A 166 7.20 17.68 -9.45
N GLN A 167 6.71 18.87 -9.15
CA GLN A 167 7.38 20.11 -9.52
C GLN A 167 8.24 20.59 -8.34
N SER A 168 7.69 20.48 -7.13
CA SER A 168 8.37 20.89 -5.90
C SER A 168 7.67 20.27 -4.69
N LYS A 187 -2.46 18.86 -10.18
CA LYS A 187 -3.85 18.40 -10.19
C LYS A 187 -3.93 16.94 -9.73
N GLY A 188 -3.62 16.01 -10.62
CA GLY A 188 -3.66 14.61 -10.27
C GLY A 188 -4.67 13.81 -11.08
N VAL A 189 -4.17 12.85 -11.84
CA VAL A 189 -5.03 11.99 -12.65
C VAL A 189 -5.25 10.69 -11.92
N LEU A 190 -6.49 10.22 -11.93
CA LEU A 190 -6.88 9.01 -11.23
C LEU A 190 -7.42 7.99 -12.22
N ILE A 191 -6.88 6.78 -12.21
CA ILE A 191 -7.33 5.75 -13.14
C ILE A 191 -7.71 4.43 -12.49
N LYS A 192 -8.92 3.97 -12.76
CA LYS A 192 -9.36 2.69 -12.25
C LYS A 192 -8.94 1.66 -13.29
N ALA A 193 -7.63 1.39 -13.34
CA ALA A 193 -7.02 0.46 -14.29
C ALA A 193 -7.51 -0.99 -14.25
N HIS A 194 -7.58 -1.60 -13.08
CA HIS A 194 -8.02 -2.99 -13.01
C HIS A 194 -8.99 -3.28 -11.89
N THR A 195 -9.65 -4.42 -11.99
CA THR A 195 -10.60 -4.88 -11.00
C THR A 195 -9.84 -5.58 -9.89
N ASN A 196 -8.81 -6.33 -10.27
CA ASN A 196 -8.01 -7.04 -9.30
C ASN A 196 -6.81 -6.20 -8.92
N PRO A 197 -6.09 -6.60 -7.87
CA PRO A 197 -4.92 -5.83 -7.45
C PRO A 197 -3.89 -5.69 -8.56
N ILE A 198 -3.32 -4.50 -8.68
CA ILE A 198 -2.32 -4.25 -9.70
C ILE A 198 -1.00 -4.96 -9.39
N LYS A 199 -0.44 -5.60 -10.41
CA LYS A 199 0.82 -6.31 -10.29
C LYS A 199 1.98 -5.33 -10.31
N MET A 200 2.00 -4.47 -11.33
CA MET A 200 3.04 -3.46 -11.48
C MET A 200 2.62 -2.42 -12.52
N VAL A 201 3.23 -1.24 -12.45
CA VAL A 201 2.93 -0.19 -13.43
C VAL A 201 4.24 0.27 -14.03
N ARG A 202 4.19 0.69 -15.29
CA ARG A 202 5.41 1.12 -15.97
C ARG A 202 5.22 2.33 -16.86
N LEU A 203 6.04 3.36 -16.62
CA LEU A 203 6.03 4.58 -17.38
C LEU A 203 6.95 4.42 -18.59
N ASN A 204 6.58 5.01 -19.72
CA ASN A 204 7.43 4.96 -20.90
C ASN A 204 8.48 6.07 -20.76
N ARG A 205 9.49 6.04 -21.62
CA ARG A 205 10.57 7.03 -21.58
C ARG A 205 10.15 8.47 -21.32
N LYS A 206 9.20 8.96 -22.11
CA LYS A 206 8.72 10.33 -21.98
C LYS A 206 7.77 10.55 -20.80
N SER A 207 7.21 9.46 -20.28
CA SER A 207 6.27 9.53 -19.15
C SER A 207 4.89 10.00 -19.58
N ASP A 208 4.62 9.97 -20.88
CA ASP A 208 3.31 10.37 -21.38
C ASP A 208 2.35 9.20 -21.39
N MET A 209 2.85 8.00 -21.14
CA MET A 209 2.01 6.81 -21.08
C MET A 209 2.43 5.91 -19.92
N VAL A 210 1.48 5.14 -19.41
CA VAL A 210 1.79 4.22 -18.32
C VAL A 210 1.14 2.87 -18.60
N ALA A 211 1.91 1.80 -18.52
CA ALA A 211 1.38 0.46 -18.77
C ALA A 211 1.09 -0.22 -17.43
N THR A 212 -0.05 -0.89 -17.36
CA THR A 212 -0.44 -1.58 -16.14
C THR A 212 -0.87 -3.01 -16.39
N CYS A 213 -0.81 -3.83 -15.35
CA CYS A 213 -1.25 -5.20 -15.45
C CYS A 213 -1.58 -5.66 -14.06
N SER A 214 -2.57 -6.53 -13.94
CA SER A 214 -2.96 -7.03 -12.63
C SER A 214 -2.34 -8.39 -12.36
N GLN A 215 -2.61 -8.91 -11.16
CA GLN A 215 -2.13 -10.20 -10.67
C GLN A 215 -2.90 -11.30 -11.40
N ASP A 216 -2.15 -12.22 -12.02
CA ASP A 216 -2.73 -13.31 -12.78
C ASP A 216 -3.79 -12.71 -13.71
N GLY A 217 -3.42 -11.67 -14.45
CA GLY A 217 -4.35 -11.01 -15.34
C GLY A 217 -4.12 -11.31 -16.80
N THR A 218 -5.22 -11.51 -17.51
CA THR A 218 -5.18 -11.79 -18.94
C THR A 218 -5.01 -10.51 -19.76
N ILE A 219 -5.10 -9.37 -19.08
CA ILE A 219 -5.03 -8.08 -19.75
C ILE A 219 -3.96 -7.11 -19.29
N ILE A 220 -3.31 -6.47 -20.27
CA ILE A 220 -2.31 -5.44 -20.02
C ILE A 220 -2.94 -4.15 -20.62
N ARG A 221 -2.88 -3.05 -19.89
CA ARG A 221 -3.46 -1.79 -20.37
C ARG A 221 -2.48 -0.65 -20.43
N VAL A 222 -2.72 0.27 -21.37
CA VAL A 222 -1.87 1.43 -21.53
C VAL A 222 -2.75 2.67 -21.50
N PHE A 223 -2.39 3.62 -20.63
CA PHE A 223 -3.13 4.86 -20.49
C PHE A 223 -2.24 6.08 -20.72
N LYS A 224 -2.84 7.21 -21.11
CA LYS A 224 -2.12 8.46 -21.29
C LYS A 224 -1.98 8.99 -19.88
N THR A 225 -0.80 9.44 -19.49
CA THR A 225 -0.59 9.96 -18.15
C THR A 225 -1.23 11.33 -17.96
N GLU A 226 -1.48 12.04 -19.05
CA GLU A 226 -2.07 13.37 -18.97
C GLU A 226 -3.53 13.35 -18.58
N ASP A 227 -4.33 12.54 -19.27
CA ASP A 227 -5.77 12.45 -18.98
C ASP A 227 -6.27 11.06 -18.59
N GLY A 228 -5.34 10.13 -18.41
CA GLY A 228 -5.72 8.78 -18.00
C GLY A 228 -6.70 8.03 -18.89
N VAL A 229 -6.75 8.33 -20.18
CA VAL A 229 -7.66 7.61 -21.05
C VAL A 229 -6.99 6.35 -21.58
N LEU A 230 -7.76 5.28 -21.72
CA LEU A 230 -7.26 4.01 -22.20
C LEU A 230 -6.87 4.10 -23.67
N VAL A 231 -5.58 3.97 -23.94
CA VAL A 231 -5.05 4.06 -25.29
C VAL A 231 -4.84 2.69 -25.96
N ARG A 232 -4.45 1.69 -25.19
CA ARG A 232 -4.23 0.35 -25.72
C ARG A 232 -4.60 -0.75 -24.72
N GLU A 233 -4.93 -1.92 -25.25
CA GLU A 233 -5.26 -3.06 -24.42
C GLU A 233 -4.75 -4.30 -25.15
N PHE A 234 -4.03 -5.15 -24.41
CA PHE A 234 -3.48 -6.38 -24.98
C PHE A 234 -3.93 -7.58 -24.16
N ARG A 235 -4.14 -8.71 -24.82
CA ARG A 235 -4.56 -9.93 -24.14
C ARG A 235 -3.34 -10.83 -24.10
N ARG A 236 -3.05 -11.39 -22.94
CA ARG A 236 -1.89 -12.27 -22.83
C ARG A 236 -2.28 -13.64 -23.32
N GLY A 237 -3.57 -13.90 -23.28
CA GLY A 237 -4.08 -15.19 -23.73
C GLY A 237 -3.33 -16.41 -23.20
N LEU A 238 -2.57 -17.05 -24.09
CA LEU A 238 -1.82 -18.26 -23.77
C LEU A 238 -0.93 -18.25 -22.52
N ASP A 239 -0.06 -17.25 -22.40
CA ASP A 239 0.82 -17.19 -21.24
C ASP A 239 0.08 -16.84 -19.95
N ARG A 240 -0.09 -17.85 -19.10
CA ARG A 240 -0.78 -17.72 -17.84
C ARG A 240 0.15 -17.25 -16.70
N ALA A 241 1.45 -17.49 -16.84
CA ALA A 241 2.43 -17.13 -15.81
C ALA A 241 2.39 -15.69 -15.28
N ASP A 242 2.84 -15.53 -14.04
CA ASP A 242 2.89 -14.21 -13.41
C ASP A 242 3.92 -13.37 -14.14
N VAL A 243 3.64 -12.08 -14.29
CA VAL A 243 4.56 -11.18 -14.95
C VAL A 243 5.72 -10.90 -13.99
N VAL A 244 6.94 -10.95 -14.51
CA VAL A 244 8.12 -10.69 -13.68
C VAL A 244 8.61 -9.28 -13.96
N ASP A 245 8.52 -8.87 -15.21
CA ASP A 245 8.93 -7.52 -15.57
C ASP A 245 8.29 -7.08 -16.88
N MET A 246 8.20 -5.76 -17.03
CA MET A 246 7.58 -5.15 -18.19
C MET A 246 8.31 -3.84 -18.43
N LYS A 247 8.86 -3.68 -19.62
CA LYS A 247 9.62 -2.48 -19.99
C LYS A 247 9.28 -1.96 -21.40
N TRP A 248 9.45 -0.65 -21.60
CA TRP A 248 9.13 0.03 -22.88
C TRP A 248 10.35 0.23 -23.78
N SER A 249 10.16 0.13 -25.08
CA SER A 249 11.29 0.36 -26.00
C SER A 249 11.57 1.87 -25.94
N THR A 250 12.78 2.26 -26.31
CA THR A 250 13.18 3.67 -26.23
C THR A 250 12.29 4.72 -26.90
N ASP A 251 11.63 4.39 -28.01
CA ASP A 251 10.75 5.35 -28.67
C ASP A 251 9.29 5.19 -28.21
N GLY A 252 9.04 4.27 -27.28
CA GLY A 252 7.71 4.05 -26.77
C GLY A 252 6.81 3.21 -27.67
N SER A 253 7.41 2.61 -28.69
CA SER A 253 6.69 1.79 -29.66
C SER A 253 6.32 0.36 -29.21
N LYS A 254 7.23 -0.31 -28.52
CA LYS A 254 6.95 -1.67 -28.09
C LYS A 254 7.07 -1.87 -26.59
N LEU A 255 6.32 -2.84 -26.11
CA LEU A 255 6.31 -3.17 -24.71
C LEU A 255 6.76 -4.63 -24.56
N ALA A 256 7.80 -4.87 -23.76
CA ALA A 256 8.28 -6.24 -23.54
C ALA A 256 7.83 -6.72 -22.18
N VAL A 257 7.38 -7.97 -22.13
CA VAL A 257 6.94 -8.58 -20.88
C VAL A 257 7.61 -9.94 -20.72
N VAL A 258 8.08 -10.23 -19.52
CA VAL A 258 8.68 -11.53 -19.23
C VAL A 258 7.83 -12.16 -18.14
N SER A 259 7.38 -13.39 -18.35
CA SER A 259 6.57 -14.09 -17.35
C SER A 259 7.48 -15.05 -16.58
N ASP A 260 6.99 -15.65 -15.49
CA ASP A 260 7.84 -16.58 -14.75
C ASP A 260 7.89 -17.96 -15.41
N LYS A 261 7.28 -18.08 -16.58
CA LYS A 261 7.36 -19.33 -17.34
C LYS A 261 8.63 -19.09 -18.15
N TRP A 262 9.17 -17.89 -17.99
CA TRP A 262 10.38 -17.43 -18.65
C TRP A 262 10.21 -17.31 -20.16
N THR A 263 9.13 -16.65 -20.54
CA THR A 263 8.83 -16.40 -21.93
C THR A 263 8.78 -14.90 -22.15
N LEU A 264 9.48 -14.44 -23.17
CA LEU A 264 9.54 -13.02 -23.49
C LEU A 264 8.47 -12.71 -24.55
N HIS A 265 7.66 -11.68 -24.30
CA HIS A 265 6.59 -11.27 -25.20
C HIS A 265 6.75 -9.80 -25.55
N VAL A 266 6.37 -9.43 -26.77
CA VAL A 266 6.46 -8.04 -27.19
C VAL A 266 5.11 -7.60 -27.71
N PHE A 267 4.62 -6.48 -27.18
CA PHE A 267 3.33 -5.92 -27.61
C PHE A 267 3.62 -4.61 -28.34
N GLU A 268 2.80 -4.29 -29.33
CA GLU A 268 3.03 -3.08 -30.11
C GLU A 268 2.06 -1.95 -29.81
N ILE A 269 2.57 -0.82 -29.32
CA ILE A 269 1.74 0.35 -29.05
C ILE A 269 1.48 1.14 -30.35
N PHE A 270 2.52 1.30 -31.15
CA PHE A 270 2.37 1.96 -32.45
C PHE A 270 3.47 1.44 -33.37
N ASN A 271 3.17 1.35 -34.66
CA ASN A 271 4.14 0.83 -35.61
C ASN A 271 5.34 1.76 -35.76
N ASP A 272 6.51 1.17 -35.53
CA ASP A 272 7.81 1.81 -35.53
C ASP A 272 8.54 1.97 -36.87
N GLN A 273 8.35 0.98 -37.74
CA GLN A 273 9.00 0.91 -39.03
C GLN A 273 8.53 1.89 -40.12
N ASP A 274 9.29 1.90 -41.21
CA ASP A 274 8.97 2.70 -42.39
C ASP A 274 8.48 1.59 -43.31
N ASN A 275 7.16 1.46 -43.40
CA ASN A 275 6.57 0.36 -44.15
C ASN A 275 6.12 0.62 -45.57
N LYS A 276 5.90 -0.47 -46.29
CA LYS A 276 5.44 -0.38 -47.66
C LYS A 276 3.97 0.03 -47.61
N ARG A 277 3.58 0.91 -48.53
CA ARG A 277 2.21 1.37 -48.58
C ARG A 277 1.30 0.44 -49.39
N HIS A 278 1.87 -0.54 -50.10
CA HIS A 278 1.07 -1.47 -50.89
C HIS A 278 1.46 -2.93 -50.78
N ALA A 279 0.58 -3.80 -51.24
CA ALA A 279 0.80 -5.24 -51.20
C ALA A 279 -0.02 -5.88 -52.32
N LEU A 280 0.29 -7.13 -52.64
CA LEU A 280 -0.43 -7.81 -53.71
C LEU A 280 -0.45 -6.98 -54.98
N LYS A 281 0.74 -6.64 -55.48
CA LYS A 281 0.90 -5.88 -56.71
C LYS A 281 0.15 -4.56 -56.84
N GLY A 282 0.14 -3.76 -55.79
CA GLY A 282 -0.55 -2.48 -55.86
C GLY A 282 -2.05 -2.58 -55.66
N TRP A 283 -2.56 -3.80 -55.56
CA TRP A 283 -3.99 -3.98 -55.36
C TRP A 283 -4.44 -3.64 -53.93
N ILE A 284 -3.55 -3.84 -52.95
CA ILE A 284 -3.88 -3.59 -51.55
C ILE A 284 -3.18 -2.38 -50.94
N ASN A 285 -3.92 -1.62 -50.14
CA ASN A 285 -3.36 -0.46 -49.44
C ASN A 285 -3.03 -0.95 -48.04
N MET A 286 -1.75 -1.22 -47.80
CA MET A 286 -1.31 -1.72 -46.51
C MET A 286 -1.62 -0.82 -45.31
N LYS A 287 -2.22 -1.41 -44.28
CA LYS A 287 -2.54 -0.70 -43.04
C LYS A 287 -1.83 -1.44 -41.92
N TYR A 288 -1.41 -0.71 -40.89
CA TYR A 288 -0.71 -1.36 -39.78
C TYR A 288 -1.37 -1.05 -38.43
N PHE A 289 -2.39 -1.83 -38.11
CA PHE A 289 -3.09 -1.63 -36.84
C PHE A 289 -2.45 -2.50 -35.76
N GLN A 290 -2.62 -2.08 -34.52
CA GLN A 290 -2.03 -2.82 -33.40
C GLN A 290 -2.81 -4.04 -32.97
N SER A 291 -2.13 -5.18 -33.00
CA SER A 291 -2.72 -6.45 -32.59
C SER A 291 -3.06 -6.44 -31.12
N GLU A 292 -4.09 -7.21 -30.78
CA GLU A 292 -4.55 -7.32 -29.42
C GLU A 292 -3.67 -8.32 -28.65
N TRP A 293 -2.83 -9.06 -29.38
CA TRP A 293 -1.93 -10.06 -28.78
C TRP A 293 -0.45 -9.75 -29.03
N SER A 294 0.40 -10.54 -28.39
CA SER A 294 1.85 -10.43 -28.52
C SER A 294 2.32 -10.57 -29.98
N LEU A 295 3.32 -9.77 -30.36
CA LEU A 295 3.89 -9.82 -31.70
C LEU A 295 4.72 -11.08 -31.87
N CYS A 296 5.40 -11.46 -30.81
CA CYS A 296 6.26 -12.64 -30.82
C CYS A 296 6.45 -13.15 -29.40
N ASN A 297 6.63 -14.46 -29.27
CA ASN A 297 6.82 -15.09 -27.98
C ASN A 297 8.09 -15.93 -28.00
N PHE A 298 9.10 -15.46 -27.28
CA PHE A 298 10.38 -16.14 -27.24
C PHE A 298 10.59 -16.85 -25.90
N LYS A 299 10.97 -18.13 -25.97
CA LYS A 299 11.22 -18.89 -24.75
C LYS A 299 12.67 -18.74 -24.31
N LEU A 300 12.85 -18.17 -23.12
CA LEU A 300 14.17 -17.92 -22.58
C LEU A 300 14.82 -19.20 -22.05
N SER A 301 16.14 -19.25 -22.15
CA SER A 301 16.92 -20.39 -21.70
C SER A 301 17.51 -20.13 -20.32
N VAL A 302 17.00 -20.82 -19.31
CA VAL A 302 17.54 -20.63 -17.97
C VAL A 302 17.62 -21.93 -17.16
N ASP A 303 18.61 -22.04 -16.27
CA ASP A 303 18.76 -23.25 -15.46
C ASP A 303 17.71 -23.29 -14.36
N LYS A 304 17.67 -24.39 -13.62
CA LYS A 304 16.68 -24.57 -12.57
C LYS A 304 16.85 -23.73 -11.32
N HIS A 305 17.87 -22.87 -11.31
CA HIS A 305 18.11 -22.03 -10.15
C HIS A 305 17.63 -20.58 -10.34
N VAL A 306 16.76 -20.35 -11.33
CA VAL A 306 16.27 -19.01 -11.62
C VAL A 306 15.57 -18.39 -10.43
N ARG A 307 15.88 -17.12 -10.18
CA ARG A 307 15.23 -16.38 -9.12
C ARG A 307 14.21 -15.51 -9.85
N GLY A 308 14.73 -14.52 -10.57
CA GLY A 308 13.87 -13.64 -11.34
C GLY A 308 14.73 -12.97 -12.37
N CYS A 309 14.35 -11.78 -12.80
CA CYS A 309 15.14 -11.03 -13.77
C CYS A 309 14.56 -9.65 -13.95
N LYS A 310 15.31 -8.81 -14.67
CA LYS A 310 14.89 -7.45 -14.98
C LYS A 310 15.30 -7.22 -16.41
N ILE A 311 14.44 -6.55 -17.17
CA ILE A 311 14.76 -6.28 -18.56
C ILE A 311 14.84 -4.79 -18.83
N ALA A 312 15.45 -4.43 -19.95
CA ALA A 312 15.59 -3.03 -20.30
C ALA A 312 15.91 -2.91 -21.78
N TRP A 313 15.15 -2.06 -22.47
CA TRP A 313 15.41 -1.85 -23.89
C TRP A 313 16.61 -0.94 -23.96
N ILE A 314 17.48 -1.18 -24.94
CA ILE A 314 18.67 -0.37 -25.10
C ILE A 314 18.61 0.34 -26.44
N SER A 315 17.50 0.15 -27.15
CA SER A 315 17.29 0.76 -28.44
C SER A 315 15.84 0.51 -28.82
N GLU A 316 15.49 0.79 -30.06
CA GLU A 316 14.12 0.60 -30.51
C GLU A 316 13.86 -0.86 -30.85
N SER A 317 14.94 -1.61 -31.08
CA SER A 317 14.80 -3.02 -31.44
C SER A 317 15.55 -4.01 -30.53
N SER A 318 16.43 -3.50 -29.67
CA SER A 318 17.19 -4.39 -28.77
C SER A 318 16.92 -4.15 -27.29
N LEU A 319 17.01 -5.24 -26.51
CA LEU A 319 16.81 -5.15 -25.08
C LEU A 319 17.70 -6.17 -24.37
N VAL A 320 17.97 -5.92 -23.10
CA VAL A 320 18.80 -6.81 -22.31
C VAL A 320 17.99 -7.44 -21.18
N VAL A 321 18.43 -8.62 -20.78
CA VAL A 321 17.79 -9.34 -19.70
C VAL A 321 18.92 -9.66 -18.73
N VAL A 322 18.73 -9.30 -17.47
CA VAL A 322 19.73 -9.56 -16.46
C VAL A 322 19.23 -10.60 -15.47
N TRP A 323 20.01 -11.68 -15.32
CA TRP A 323 19.66 -12.75 -14.40
C TRP A 323 20.54 -12.62 -13.17
N PRO A 324 19.95 -12.20 -12.03
CA PRO A 324 20.75 -12.04 -10.81
C PRO A 324 21.46 -13.29 -10.31
N HIS A 325 20.84 -14.46 -10.45
CA HIS A 325 21.44 -15.72 -9.97
C HIS A 325 22.71 -16.20 -10.69
N THR A 326 22.90 -15.88 -11.95
CA THR A 326 24.13 -16.29 -12.63
C THR A 326 24.89 -15.04 -13.04
N ARG A 327 24.36 -13.88 -12.62
CA ARG A 327 24.94 -12.57 -12.94
C ARG A 327 25.26 -12.49 -14.43
N MET A 328 24.34 -12.97 -15.24
CA MET A 328 24.49 -12.95 -16.69
C MET A 328 23.59 -11.94 -17.37
N ILE A 329 24.08 -11.32 -18.43
CA ILE A 329 23.27 -10.36 -19.17
C ILE A 329 23.23 -10.72 -20.64
N GLU A 330 22.01 -10.98 -21.11
CA GLU A 330 21.75 -11.36 -22.49
C GLU A 330 21.13 -10.23 -23.30
N THR A 331 21.64 -10.03 -24.50
CA THR A 331 21.15 -8.98 -25.38
C THR A 331 20.30 -9.58 -26.49
N PHE A 332 19.05 -9.14 -26.59
CA PHE A 332 18.14 -9.67 -27.61
C PHE A 332 17.77 -8.62 -28.65
N LYS A 333 17.43 -9.09 -29.85
CA LYS A 333 17.05 -8.20 -30.94
C LYS A 333 15.66 -8.61 -31.43
N VAL A 334 14.79 -7.63 -31.64
CA VAL A 334 13.45 -7.88 -32.14
C VAL A 334 13.50 -7.47 -33.61
N VAL A 335 13.19 -8.42 -34.50
CA VAL A 335 13.27 -8.16 -35.92
C VAL A 335 12.08 -8.68 -36.71
N PHE A 336 11.67 -7.92 -37.72
CA PHE A 336 10.56 -8.35 -38.56
C PHE A 336 11.09 -9.10 -39.78
N ASP A 337 10.55 -10.29 -40.00
CA ASP A 337 10.92 -11.15 -41.10
C ASP A 337 9.80 -11.05 -42.15
N ASP A 338 10.03 -10.34 -43.25
CA ASP A 338 9.01 -10.21 -44.29
C ASP A 338 8.65 -11.52 -44.96
N GLU A 339 9.66 -12.33 -45.24
CA GLU A 339 9.43 -13.62 -45.87
C GLU A 339 8.33 -14.33 -45.09
N MET A 340 8.40 -14.24 -43.77
CA MET A 340 7.41 -14.87 -42.91
C MET A 340 6.29 -13.93 -42.45
N GLU A 341 6.47 -12.64 -42.66
CA GLU A 341 5.47 -11.66 -42.23
C GLU A 341 5.25 -11.86 -40.72
N ARG A 342 6.34 -11.99 -39.98
CA ARG A 342 6.26 -12.23 -38.55
C ARG A 342 7.49 -11.71 -37.81
N TRP A 343 7.29 -11.19 -36.60
CA TRP A 343 8.40 -10.68 -35.80
C TRP A 343 9.11 -11.84 -35.11
N LEU A 344 10.42 -11.75 -35.00
CA LEU A 344 11.19 -12.80 -34.34
C LEU A 344 12.14 -12.18 -33.34
N ILE A 345 12.48 -12.95 -32.31
CA ILE A 345 13.40 -12.49 -31.30
C ILE A 345 14.62 -13.38 -31.38
N GLN A 346 15.80 -12.76 -31.42
CA GLN A 346 17.03 -13.54 -31.49
C GLN A 346 17.97 -13.09 -30.38
N MET A 347 18.74 -14.02 -29.82
CA MET A 347 19.69 -13.65 -28.80
C MET A 347 21.03 -13.36 -29.48
N ASP A 348 21.48 -12.11 -29.40
CA ASP A 348 22.75 -11.75 -30.02
C ASP A 348 23.94 -11.95 -29.12
N GLN A 349 23.75 -11.82 -27.82
CA GLN A 349 24.86 -11.94 -26.88
C GLN A 349 24.51 -12.51 -25.52
N ARG A 350 25.45 -13.24 -24.96
CA ARG A 350 25.34 -13.81 -23.63
C ARG A 350 26.69 -13.62 -22.97
N GLU A 351 26.74 -12.74 -21.98
CA GLU A 351 27.98 -12.50 -21.26
C GLU A 351 27.72 -12.41 -19.77
N GLN A 352 28.79 -12.49 -19.00
CA GLN A 352 28.63 -12.44 -17.55
C GLN A 352 29.13 -11.15 -16.97
N LEU A 353 28.42 -10.67 -15.96
CA LEU A 353 28.81 -9.44 -15.28
C LEU A 353 29.93 -9.81 -14.31
N MET A 354 31.13 -9.32 -14.62
CA MET A 354 32.33 -9.60 -13.82
C MET A 354 32.35 -8.93 -12.45
N ILE A 355 32.72 -9.69 -11.43
CA ILE A 355 32.81 -9.16 -10.06
C ILE A 355 34.27 -9.03 -9.65
N SER B 19 -29.46 -19.83 11.21
CA SER B 19 -28.87 -18.54 11.65
C SER B 19 -27.38 -18.68 11.98
N ASN B 20 -26.56 -18.11 11.09
CA ASN B 20 -25.12 -18.12 11.25
C ASN B 20 -24.73 -16.64 11.32
N PRO B 21 -24.94 -16.03 12.51
CA PRO B 21 -24.66 -14.63 12.82
C PRO B 21 -23.19 -14.26 12.99
N VAL B 22 -22.90 -12.98 12.83
CA VAL B 22 -21.55 -12.48 13.00
C VAL B 22 -21.24 -12.44 14.49
N THR B 23 -20.13 -13.06 14.89
CA THR B 23 -19.76 -13.08 16.30
C THR B 23 -18.76 -11.97 16.65
N ASP B 24 -18.16 -11.37 15.62
CA ASP B 24 -17.22 -10.28 15.80
C ASP B 24 -16.78 -9.77 14.43
N TYR B 25 -16.36 -8.51 14.36
CA TYR B 25 -15.90 -7.94 13.10
C TYR B 25 -15.01 -6.76 13.42
N GLU B 26 -14.03 -6.51 12.55
CA GLU B 26 -13.11 -5.40 12.78
C GLU B 26 -12.31 -5.12 11.50
N PHE B 27 -11.72 -3.92 11.43
CA PHE B 27 -10.94 -3.50 10.27
C PHE B 27 -9.46 -3.67 10.56
N ASN B 28 -8.64 -3.64 9.51
CA ASN B 28 -7.19 -3.71 9.74
C ASN B 28 -6.82 -2.31 10.25
N GLN B 29 -5.57 -2.07 10.58
CA GLN B 29 -5.23 -0.79 11.15
C GLN B 29 -5.30 0.42 10.23
N ASP B 30 -5.55 0.18 8.94
CA ASP B 30 -5.62 1.29 8.01
C ASP B 30 -7.04 1.41 7.43
N GLN B 31 -7.90 0.48 7.82
CA GLN B 31 -9.30 0.49 7.39
C GLN B 31 -9.62 -0.02 5.99
N SER B 32 -8.61 -0.50 5.25
CA SER B 32 -8.84 -1.00 3.91
C SER B 32 -9.51 -2.37 3.84
N CYS B 33 -9.43 -3.14 4.92
CA CYS B 33 -10.03 -4.47 4.95
C CYS B 33 -10.88 -4.66 6.19
N LEU B 34 -11.74 -5.66 6.11
CA LEU B 34 -12.62 -5.99 7.21
C LEU B 34 -12.64 -7.49 7.41
N ILE B 35 -12.32 -7.93 8.62
CA ILE B 35 -12.38 -9.36 8.90
C ILE B 35 -13.55 -9.58 9.84
N LEU B 36 -14.33 -10.61 9.59
CA LEU B 36 -15.45 -10.90 10.46
C LEU B 36 -15.55 -12.40 10.69
N SER B 37 -16.13 -12.78 11.83
CA SER B 37 -16.28 -14.17 12.20
C SER B 37 -17.72 -14.53 12.48
N THR B 38 -18.11 -15.75 12.12
CA THR B 38 -19.46 -16.23 12.38
C THR B 38 -19.27 -17.44 13.28
N LEU B 39 -20.21 -18.38 13.23
CA LEU B 39 -20.09 -19.57 14.05
C LEU B 39 -19.41 -20.66 13.25
N LYS B 40 -19.22 -20.42 11.95
CA LYS B 40 -18.62 -21.40 11.07
C LYS B 40 -17.32 -20.98 10.39
N SER B 41 -16.93 -19.71 10.50
CA SER B 41 -15.71 -19.28 9.84
C SER B 41 -15.37 -17.82 10.05
N PHE B 42 -14.28 -17.39 9.42
CA PHE B 42 -13.89 -15.99 9.45
C PHE B 42 -13.69 -15.58 7.99
N GLU B 43 -14.21 -14.41 7.64
CA GLU B 43 -14.13 -13.91 6.28
C GLU B 43 -13.30 -12.63 6.27
N ILE B 44 -12.66 -12.35 5.13
CA ILE B 44 -11.87 -11.14 5.00
C ILE B 44 -12.30 -10.43 3.72
N TYR B 45 -12.58 -9.13 3.82
CA TYR B 45 -13.01 -8.37 2.67
C TYR B 45 -12.23 -7.10 2.46
N ASN B 46 -12.18 -6.68 1.20
CA ASN B 46 -11.54 -5.42 0.87
C ASN B 46 -12.74 -4.48 1.11
N VAL B 47 -12.52 -3.36 1.77
CA VAL B 47 -13.60 -2.44 2.10
C VAL B 47 -14.14 -1.65 0.91
N HIS B 48 -13.25 -1.20 0.04
CA HIS B 48 -13.70 -0.39 -1.08
C HIS B 48 -12.79 -0.37 -2.30
N PRO B 49 -13.26 -0.95 -3.41
CA PRO B 49 -14.56 -1.59 -3.59
C PRO B 49 -14.70 -2.87 -2.76
N VAL B 50 -15.94 -3.22 -2.41
CA VAL B 50 -16.18 -4.42 -1.62
C VAL B 50 -15.81 -5.66 -2.42
N ALA B 51 -14.91 -6.46 -1.84
CA ALA B 51 -14.45 -7.70 -2.46
C ALA B 51 -14.17 -8.77 -1.42
N HIS B 52 -14.67 -9.96 -1.66
CA HIS B 52 -14.47 -11.07 -0.74
C HIS B 52 -13.10 -11.68 -1.01
N ILE B 53 -12.10 -11.27 -0.24
CA ILE B 53 -10.74 -11.76 -0.43
C ILE B 53 -10.59 -13.24 -0.14
N MET B 54 -11.01 -13.67 1.05
CA MET B 54 -10.88 -15.06 1.42
C MET B 54 -11.92 -15.53 2.42
N SER B 55 -11.87 -16.83 2.69
CA SER B 55 -12.78 -17.46 3.62
C SER B 55 -12.02 -18.61 4.30
N GLN B 56 -12.25 -18.81 5.60
CA GLN B 56 -11.58 -19.88 6.32
C GLN B 56 -12.51 -20.54 7.33
N GLU B 57 -12.83 -21.81 7.11
CA GLU B 57 -13.71 -22.51 8.04
C GLU B 57 -13.05 -22.70 9.38
N MET B 58 -13.79 -22.44 10.44
CA MET B 58 -13.26 -22.56 11.78
C MET B 58 -14.41 -22.37 12.77
N ARG B 59 -14.28 -22.96 13.96
CA ARG B 59 -15.32 -22.88 14.97
C ARG B 59 -14.95 -22.14 16.25
N HIS B 60 -15.99 -21.78 17.00
CA HIS B 60 -15.85 -21.09 18.28
C HIS B 60 -15.19 -19.71 18.24
N LEU B 61 -15.19 -19.08 17.07
CA LEU B 61 -14.60 -17.76 16.95
C LEU B 61 -15.45 -16.74 17.69
N SER B 62 -14.80 -15.95 18.52
CA SER B 62 -15.50 -14.94 19.29
C SER B 62 -14.80 -13.60 19.13
N LYS B 63 -13.65 -13.60 18.45
CA LYS B 63 -12.88 -12.39 18.26
C LYS B 63 -11.86 -12.52 17.13
N VAL B 64 -11.87 -11.59 16.18
CA VAL B 64 -10.92 -11.62 15.07
C VAL B 64 -10.25 -10.28 14.77
N ARG B 65 -8.96 -10.37 14.49
CA ARG B 65 -8.16 -9.21 14.17
C ARG B 65 -7.33 -9.55 12.93
N MET B 66 -6.69 -8.54 12.35
CA MET B 66 -5.95 -8.72 11.11
C MET B 66 -4.77 -7.78 11.07
N LEU B 67 -3.63 -8.24 10.55
CA LEU B 67 -2.46 -7.38 10.46
C LEU B 67 -2.33 -6.81 9.05
N HIS B 68 -2.59 -5.52 8.91
CA HIS B 68 -2.48 -4.83 7.62
C HIS B 68 -3.14 -5.63 6.54
N ARG B 69 -2.39 -5.93 5.48
CA ARG B 69 -2.87 -6.75 4.37
C ARG B 69 -2.00 -8.00 4.27
N THR B 70 -1.42 -8.43 5.41
CA THR B 70 -0.57 -9.62 5.42
C THR B 70 -1.38 -10.91 5.54
N ASN B 71 -0.67 -12.01 5.74
CA ASN B 71 -1.31 -13.32 5.87
C ASN B 71 -1.47 -13.71 7.34
N TYR B 72 -1.29 -12.73 8.22
CA TYR B 72 -1.41 -12.99 9.65
C TYR B 72 -2.66 -12.39 10.25
N VAL B 73 -3.46 -13.28 10.81
CA VAL B 73 -4.71 -12.94 11.45
C VAL B 73 -4.56 -13.35 12.93
N ALA B 74 -5.35 -12.73 13.81
CA ALA B 74 -5.29 -13.07 15.22
C ALA B 74 -6.72 -13.30 15.66
N PHE B 75 -6.94 -14.36 16.43
CA PHE B 75 -8.28 -14.64 16.91
C PHE B 75 -8.33 -15.39 18.23
N VAL B 76 -9.52 -15.40 18.83
CA VAL B 76 -9.77 -16.07 20.08
C VAL B 76 -10.87 -17.07 19.81
N THR B 77 -10.72 -18.30 20.28
CA THR B 77 -11.75 -19.31 20.05
C THR B 77 -12.44 -19.74 21.33
N GLY B 78 -12.36 -21.04 21.64
CA GLY B 78 -12.99 -21.54 22.85
C GLY B 78 -12.33 -21.05 24.12
N VAL B 79 -11.00 -21.06 24.15
CA VAL B 79 -10.26 -20.60 25.31
C VAL B 79 -10.11 -19.08 25.25
N LYS B 80 -11.06 -18.39 25.88
CA LYS B 80 -11.08 -16.94 25.88
C LYS B 80 -9.83 -16.21 26.35
N GLU B 81 -8.90 -16.89 27.00
CA GLU B 81 -7.69 -16.19 27.45
C GLU B 81 -6.49 -16.48 26.56
N VAL B 82 -6.74 -17.10 25.42
CA VAL B 82 -5.67 -17.42 24.49
C VAL B 82 -5.87 -16.75 23.12
N VAL B 83 -4.86 -16.02 22.70
CA VAL B 83 -4.87 -15.34 21.41
C VAL B 83 -4.05 -16.16 20.42
N HIS B 84 -4.63 -16.48 19.28
CA HIS B 84 -3.91 -17.25 18.26
C HIS B 84 -3.39 -16.34 17.15
N ILE B 85 -2.12 -16.49 16.80
CA ILE B 85 -1.60 -15.71 15.67
C ILE B 85 -1.62 -16.75 14.56
N TRP B 86 -2.54 -16.57 13.63
CA TRP B 86 -2.75 -17.52 12.54
C TRP B 86 -2.26 -17.10 11.17
N ASP B 87 -1.72 -18.06 10.43
CA ASP B 87 -1.20 -17.84 9.09
C ASP B 87 -2.30 -18.13 8.06
N ASP B 88 -2.81 -17.08 7.44
CA ASP B 88 -3.85 -17.13 6.40
C ASP B 88 -3.60 -18.22 5.37
N VAL B 89 -2.43 -18.10 4.75
CA VAL B 89 -1.97 -18.97 3.68
C VAL B 89 -1.57 -20.37 4.12
N LYS B 90 -0.75 -20.48 5.16
CA LYS B 90 -0.36 -21.80 5.61
C LYS B 90 -1.44 -22.46 6.46
N LYS B 91 -2.44 -21.68 6.88
CA LYS B 91 -3.54 -22.21 7.70
C LYS B 91 -2.88 -22.94 8.85
N GLN B 92 -2.47 -22.19 9.87
CA GLN B 92 -1.74 -22.80 10.96
C GLN B 92 -1.34 -21.75 12.00
N ASP B 93 -1.41 -22.11 13.28
CA ASP B 93 -0.98 -21.16 14.31
C ASP B 93 0.53 -21.05 14.14
N VAL B 94 1.06 -19.86 14.27
CA VAL B 94 2.49 -19.65 14.16
C VAL B 94 2.97 -19.32 15.57
N SER B 95 1.99 -18.93 16.39
CA SER B 95 2.24 -18.53 17.76
C SER B 95 0.93 -18.54 18.54
N ARG B 96 1.04 -18.66 19.85
CA ARG B 96 -0.14 -18.67 20.71
C ARG B 96 0.25 -17.88 21.95
N ILE B 97 -0.58 -16.90 22.30
CA ILE B 97 -0.34 -16.05 23.46
C ILE B 97 -1.43 -16.21 24.49
N LYS B 98 -1.04 -16.53 25.72
CA LYS B 98 -2.01 -16.74 26.80
C LYS B 98 -1.90 -15.68 27.89
N VAL B 99 -3.06 -15.27 28.41
CA VAL B 99 -3.12 -14.26 29.46
C VAL B 99 -4.01 -14.75 30.61
N ASP B 100 -3.82 -14.18 31.80
CA ASP B 100 -4.56 -14.59 32.99
C ASP B 100 -6.08 -14.43 33.00
N ALA B 101 -6.60 -13.54 32.16
CA ALA B 101 -8.04 -13.33 32.10
C ALA B 101 -8.50 -13.30 30.65
N PRO B 102 -9.81 -13.43 30.40
CA PRO B 102 -10.31 -13.41 29.02
C PRO B 102 -9.84 -12.16 28.29
N VAL B 103 -9.71 -12.27 26.98
CA VAL B 103 -9.24 -11.16 26.17
C VAL B 103 -10.33 -10.17 25.84
N LYS B 104 -10.05 -8.89 26.07
CA LYS B 104 -10.99 -7.81 25.79
C LYS B 104 -10.59 -7.11 24.51
N ASP B 105 -9.61 -6.23 24.62
CA ASP B 105 -9.12 -5.49 23.47
C ASP B 105 -7.91 -6.22 22.88
N LEU B 106 -7.77 -6.14 21.55
CA LEU B 106 -6.68 -6.78 20.83
C LEU B 106 -6.26 -5.93 19.62
N PHE B 107 -5.04 -5.42 19.66
CA PHE B 107 -4.51 -4.59 18.58
C PHE B 107 -3.24 -5.22 18.01
N LEU B 108 -3.10 -5.16 16.69
CA LEU B 108 -1.92 -5.71 16.01
C LEU B 108 -1.20 -4.61 15.27
N SER B 109 0.11 -4.80 15.09
CA SER B 109 0.91 -3.84 14.37
C SER B 109 2.18 -4.57 13.94
N ARG B 110 2.96 -3.93 13.08
CA ARG B 110 4.19 -4.51 12.57
C ARG B 110 5.08 -5.08 13.68
N GLU B 111 5.14 -4.39 14.81
CA GLU B 111 6.02 -4.84 15.90
C GLU B 111 5.35 -5.36 17.17
N PHE B 112 4.10 -4.98 17.40
CA PHE B 112 3.45 -5.40 18.63
C PHE B 112 2.10 -6.08 18.51
N ILE B 113 1.73 -6.71 19.61
CA ILE B 113 0.46 -7.39 19.79
C ILE B 113 0.04 -6.92 21.18
N VAL B 114 -0.94 -6.01 21.22
CA VAL B 114 -1.42 -5.44 22.47
C VAL B 114 -2.65 -6.20 22.92
N VAL B 115 -2.62 -6.73 24.15
CA VAL B 115 -3.76 -7.48 24.64
C VAL B 115 -4.20 -6.96 25.99
N SER B 116 -5.52 -6.84 26.16
CA SER B 116 -6.07 -6.35 27.42
C SER B 116 -7.02 -7.39 27.96
N TYR B 117 -6.94 -7.59 29.27
CA TYR B 117 -7.79 -8.55 29.96
C TYR B 117 -7.93 -8.05 31.41
N GLY B 118 -9.11 -8.22 32.00
CA GLY B 118 -9.31 -7.73 33.35
C GLY B 118 -9.01 -6.24 33.33
N ASP B 119 -8.07 -5.78 34.15
CA ASP B 119 -7.73 -4.36 34.15
C ASP B 119 -6.26 -4.15 33.82
N VAL B 120 -5.72 -5.08 33.03
CA VAL B 120 -4.32 -4.99 32.63
C VAL B 120 -4.14 -5.04 31.11
N ILE B 121 -3.09 -4.39 30.64
CA ILE B 121 -2.74 -4.33 29.23
C ILE B 121 -1.33 -4.90 29.06
N SER B 122 -1.20 -5.92 28.22
CA SER B 122 0.12 -6.51 27.97
C SER B 122 0.55 -6.24 26.54
N VAL B 123 1.85 -6.09 26.34
CA VAL B 123 2.38 -5.82 25.01
C VAL B 123 3.42 -6.85 24.62
N PHE B 124 3.06 -7.73 23.67
CA PHE B 124 3.97 -8.77 23.19
C PHE B 124 4.61 -8.36 21.86
N LYS B 125 5.68 -9.05 21.51
CA LYS B 125 6.34 -8.77 20.25
C LYS B 125 5.56 -9.51 19.18
N PHE B 126 5.51 -8.94 17.98
CA PHE B 126 4.83 -9.63 16.89
C PHE B 126 5.97 -10.27 16.13
N GLY B 127 6.27 -11.50 16.53
CA GLY B 127 7.35 -12.26 15.94
C GLY B 127 8.00 -13.04 17.07
N ASN B 128 8.70 -14.12 16.72
CA ASN B 128 9.40 -14.96 17.69
C ASN B 128 10.39 -14.03 18.38
N PRO B 129 10.52 -14.09 19.72
CA PRO B 129 9.90 -14.84 20.83
C PRO B 129 8.41 -14.84 21.15
N TRP B 130 7.65 -13.82 20.74
CA TRP B 130 6.23 -13.82 21.06
C TRP B 130 6.08 -13.75 22.58
N LYS B 131 6.87 -12.89 23.20
CA LYS B 131 6.84 -12.72 24.64
C LYS B 131 6.63 -11.22 24.89
N ARG B 132 6.14 -10.85 26.08
CA ARG B 132 5.90 -9.44 26.34
C ARG B 132 7.19 -8.66 26.25
N ILE B 133 7.10 -7.47 25.67
CA ILE B 133 8.27 -6.62 25.49
C ILE B 133 8.25 -5.40 26.38
N THR B 134 7.29 -5.35 27.29
CA THR B 134 7.17 -4.25 28.22
C THR B 134 6.33 -4.68 29.42
N ASP B 135 6.55 -4.03 30.56
CA ASP B 135 5.81 -4.34 31.78
C ASP B 135 4.33 -4.07 31.58
N ASP B 136 3.50 -4.93 32.15
CA ASP B 136 2.06 -4.76 32.06
C ASP B 136 1.65 -3.37 32.56
N ILE B 137 0.44 -2.96 32.20
CA ILE B 137 -0.09 -1.66 32.57
C ILE B 137 -1.51 -1.85 33.06
N ARG B 138 -1.87 -1.20 34.16
CA ARG B 138 -3.23 -1.32 34.67
C ARG B 138 -4.05 -0.18 34.07
N PHE B 139 -5.30 -0.44 33.73
CA PHE B 139 -6.14 0.59 33.15
C PHE B 139 -7.59 0.47 33.59
N GLY B 140 -8.43 1.43 33.16
CA GLY B 140 -9.83 1.44 33.54
C GLY B 140 -10.83 0.71 32.68
N GLY B 141 -10.37 0.05 31.62
CA GLY B 141 -11.31 -0.65 30.75
C GLY B 141 -11.40 -0.14 29.33
N VAL B 142 -10.85 1.05 29.09
CA VAL B 142 -10.86 1.61 27.75
C VAL B 142 -9.44 1.87 27.27
N CYS B 143 -9.16 1.46 26.04
CA CYS B 143 -7.84 1.67 25.45
C CYS B 143 -7.84 1.48 23.96
N GLU B 144 -6.88 2.12 23.31
CA GLU B 144 -6.71 2.00 21.88
C GLU B 144 -5.22 2.10 21.58
N PHE B 145 -4.80 1.43 20.52
CA PHE B 145 -3.41 1.45 20.10
C PHE B 145 -3.39 1.65 18.59
N SER B 146 -2.56 2.57 18.14
CA SER B 146 -2.46 2.82 16.72
C SER B 146 -1.20 3.60 16.44
N ASN B 147 -0.67 3.42 15.24
CA ASN B 147 0.54 4.12 14.83
C ASN B 147 1.52 4.35 15.98
N GLY B 148 1.89 3.26 16.67
CA GLY B 148 2.85 3.34 17.77
C GLY B 148 2.45 3.98 19.09
N LEU B 149 1.19 4.42 19.22
CA LEU B 149 0.73 5.06 20.44
C LEU B 149 -0.31 4.28 21.20
N LEU B 150 -0.07 4.11 22.50
CA LEU B 150 -1.02 3.41 23.37
C LEU B 150 -1.76 4.44 24.22
N VAL B 151 -3.09 4.45 24.13
CA VAL B 151 -3.93 5.36 24.89
C VAL B 151 -4.85 4.54 25.78
N TYR B 152 -4.88 4.85 27.08
CA TYR B 152 -5.74 4.09 28.00
C TYR B 152 -6.29 4.94 29.16
N SER B 153 -7.47 4.56 29.62
CA SER B 153 -8.13 5.27 30.71
C SER B 153 -7.49 4.89 32.04
N ASN B 154 -7.26 5.89 32.89
CA ASN B 154 -6.65 5.62 34.18
C ASN B 154 -7.51 4.62 34.93
N GLU B 155 -6.87 3.72 35.66
CA GLU B 155 -7.58 2.70 36.42
C GLU B 155 -8.55 3.24 37.47
N PHE B 156 -8.19 4.36 38.11
CA PHE B 156 -9.04 4.92 39.17
C PHE B 156 -10.02 6.04 38.78
N ASN B 157 -9.56 7.06 38.06
CA ASN B 157 -10.49 8.08 37.57
C ASN B 157 -10.66 7.85 36.06
N LEU B 158 -11.82 7.29 35.71
CA LEU B 158 -12.19 6.91 34.36
C LEU B 158 -12.42 8.01 33.34
N GLY B 159 -12.19 9.27 33.71
CA GLY B 159 -12.39 10.35 32.75
C GLY B 159 -11.04 10.85 32.30
N GLN B 160 -10.04 10.14 32.79
CA GLN B 160 -8.65 10.46 32.53
C GLN B 160 -8.00 9.41 31.65
N ILE B 161 -7.10 9.85 30.79
CA ILE B 161 -6.39 8.95 29.90
C ILE B 161 -4.89 9.18 29.89
N HIS B 162 -4.17 8.12 29.56
CA HIS B 162 -2.71 8.15 29.46
C HIS B 162 -2.34 7.88 28.01
N ILE B 163 -1.27 8.51 27.56
CA ILE B 163 -0.82 8.34 26.20
C ILE B 163 0.67 8.05 26.24
N THR B 164 1.01 6.80 25.97
CA THR B 164 2.40 6.38 25.98
C THR B 164 2.84 5.80 24.64
N LYS B 165 4.03 6.18 24.21
CA LYS B 165 4.57 5.72 22.93
C LYS B 165 5.49 4.52 23.04
N LEU B 166 5.14 3.43 22.37
CA LEU B 166 5.98 2.25 22.36
C LEU B 166 7.01 2.51 21.26
N GLN B 167 8.25 2.79 21.66
CA GLN B 167 9.31 3.07 20.70
C GLN B 167 10.28 1.89 20.56
N LYS B 187 8.20 10.15 29.15
CA LYS B 187 7.18 9.28 29.75
C LYS B 187 5.81 9.57 29.15
N GLY B 188 4.77 9.22 29.90
CA GLY B 188 3.43 9.43 29.40
C GLY B 188 2.99 10.88 29.26
N VAL B 189 1.71 11.03 28.96
CA VAL B 189 1.05 12.32 28.81
C VAL B 189 -0.31 12.03 29.42
N LEU B 190 -0.70 12.85 30.39
CA LEU B 190 -1.96 12.64 31.07
C LEU B 190 -2.98 13.67 30.61
N ILE B 191 -4.23 13.25 30.55
CA ILE B 191 -5.29 14.14 30.10
C ILE B 191 -6.58 13.87 30.88
N LYS B 192 -7.11 14.94 31.48
CA LYS B 192 -8.37 14.84 32.22
C LYS B 192 -9.38 15.26 31.16
N ALA B 193 -9.65 14.36 30.23
CA ALA B 193 -10.54 14.61 29.11
C ALA B 193 -12.03 14.74 29.43
N HIS B 194 -12.50 14.03 30.44
CA HIS B 194 -13.91 14.08 30.80
C HIS B 194 -14.11 13.91 32.31
N THR B 195 -15.27 14.31 32.80
CA THR B 195 -15.56 14.17 34.22
C THR B 195 -16.25 12.83 34.43
N ASN B 196 -17.03 12.40 33.44
CA ASN B 196 -17.70 11.11 33.51
C ASN B 196 -16.73 10.05 32.97
N PRO B 197 -17.03 8.75 33.20
CA PRO B 197 -16.10 7.74 32.69
C PRO B 197 -16.05 7.71 31.17
N ILE B 198 -14.83 7.60 30.65
CA ILE B 198 -14.58 7.56 29.22
C ILE B 198 -15.29 6.41 28.52
N LYS B 199 -15.85 6.69 27.35
CA LYS B 199 -16.55 5.67 26.57
C LYS B 199 -15.63 5.00 25.54
N MET B 200 -14.91 5.82 24.78
CA MET B 200 -13.99 5.30 23.78
C MET B 200 -13.10 6.42 23.27
N VAL B 201 -11.88 6.07 22.88
CA VAL B 201 -10.95 7.03 22.35
C VAL B 201 -10.59 6.60 20.93
N ARG B 202 -10.19 7.54 20.09
CA ARG B 202 -9.86 7.23 18.71
C ARG B 202 -8.71 8.10 18.23
N LEU B 203 -7.57 7.47 17.98
CA LEU B 203 -6.39 8.18 17.48
C LEU B 203 -6.57 8.44 15.99
N ASN B 204 -6.04 9.55 15.49
CA ASN B 204 -6.17 9.85 14.07
C ASN B 204 -4.96 9.23 13.37
N ARG B 205 -5.06 8.99 12.07
CA ARG B 205 -3.98 8.37 11.31
C ARG B 205 -2.56 8.70 11.70
N LYS B 206 -2.24 9.98 11.85
CA LYS B 206 -0.87 10.36 12.21
C LYS B 206 -0.62 10.17 13.70
N SER B 207 -1.68 9.91 14.46
CA SER B 207 -1.55 9.73 15.90
C SER B 207 -1.13 11.03 16.59
N ASP B 208 -1.34 12.16 15.93
CA ASP B 208 -0.99 13.45 16.53
C ASP B 208 -2.18 14.07 17.27
N MET B 209 -3.37 13.51 17.06
CA MET B 209 -4.57 13.98 17.73
C MET B 209 -5.40 12.79 18.16
N VAL B 210 -6.10 12.93 19.29
CA VAL B 210 -6.96 11.86 19.80
C VAL B 210 -8.34 12.42 20.13
N ALA B 211 -9.39 11.73 19.69
CA ALA B 211 -10.76 12.14 19.94
C ALA B 211 -11.29 11.32 21.11
N THR B 212 -12.05 11.96 21.99
CA THR B 212 -12.59 11.26 23.16
C THR B 212 -14.05 11.58 23.36
N CYS B 213 -14.71 10.75 24.16
CA CYS B 213 -16.12 10.94 24.48
C CYS B 213 -16.44 10.09 25.72
N SER B 214 -17.28 10.62 26.61
CA SER B 214 -17.64 9.90 27.82
C SER B 214 -18.93 9.13 27.61
N GLN B 215 -19.42 8.50 28.66
CA GLN B 215 -20.66 7.74 28.57
C GLN B 215 -21.84 8.66 28.35
N ASP B 216 -21.61 9.95 28.56
CA ASP B 216 -22.63 10.97 28.36
C ASP B 216 -22.81 11.13 26.85
N GLY B 217 -21.69 11.03 26.13
CA GLY B 217 -21.70 11.14 24.68
C GLY B 217 -22.35 12.36 24.08
N THR B 218 -22.40 13.45 24.83
CA THR B 218 -23.00 14.67 24.31
C THR B 218 -21.91 15.59 23.77
N ILE B 219 -20.68 15.38 24.24
CA ILE B 219 -19.56 16.21 23.80
C ILE B 219 -18.30 15.39 23.48
N ILE B 220 -17.75 15.63 22.30
CA ILE B 220 -16.55 14.94 21.88
C ILE B 220 -15.37 15.90 21.91
N ARG B 221 -14.33 15.49 22.63
CA ARG B 221 -13.12 16.29 22.76
C ARG B 221 -12.04 15.80 21.79
N VAL B 222 -11.11 16.69 21.46
CA VAL B 222 -10.01 16.37 20.55
C VAL B 222 -8.76 17.04 21.09
N PHE B 223 -7.79 16.24 21.53
CA PHE B 223 -6.56 16.80 22.08
C PHE B 223 -5.34 16.48 21.22
N LYS B 224 -4.25 17.23 21.41
CA LYS B 224 -3.00 16.96 20.71
C LYS B 224 -2.36 15.86 21.55
N THR B 225 -1.83 14.84 20.91
CA THR B 225 -1.21 13.75 21.66
C THR B 225 0.17 14.11 22.17
N GLU B 226 0.81 15.08 21.54
CA GLU B 226 2.15 15.48 21.96
C GLU B 226 2.14 16.06 23.37
N ASP B 227 1.26 17.02 23.62
CA ASP B 227 1.18 17.66 24.93
C ASP B 227 -0.15 17.50 25.66
N GLY B 228 -1.18 17.03 24.97
CA GLY B 228 -2.47 16.85 25.61
C GLY B 228 -3.38 18.08 25.63
N VAL B 229 -2.98 19.17 24.98
CA VAL B 229 -3.80 20.37 24.97
C VAL B 229 -5.10 20.17 24.20
N LEU B 230 -6.20 20.65 24.77
CA LEU B 230 -7.49 20.53 24.12
C LEU B 230 -7.40 21.40 22.87
N VAL B 231 -8.04 20.98 21.79
CA VAL B 231 -7.97 21.72 20.55
C VAL B 231 -9.33 21.81 19.87
N ARG B 232 -10.25 20.95 20.29
CA ARG B 232 -11.58 20.94 19.71
C ARG B 232 -12.60 20.32 20.64
N GLU B 233 -13.82 20.83 20.57
CA GLU B 233 -14.94 20.31 21.34
C GLU B 233 -16.10 20.29 20.38
N PHE B 234 -16.77 19.16 20.28
CA PHE B 234 -17.90 19.03 19.39
C PHE B 234 -19.15 18.66 20.16
N ARG B 235 -20.27 19.18 19.68
CA ARG B 235 -21.57 18.94 20.30
C ARG B 235 -22.34 17.91 19.50
N ARG B 236 -22.44 16.70 20.04
CA ARG B 236 -23.14 15.62 19.36
C ARG B 236 -24.65 15.87 19.37
N GLY B 237 -25.14 16.40 20.47
CA GLY B 237 -26.57 16.69 20.60
C GLY B 237 -26.91 17.28 21.96
N LEU B 238 -28.20 17.30 22.30
CA LEU B 238 -28.64 17.83 23.58
C LEU B 238 -28.81 16.73 24.61
N ASP B 239 -29.48 15.65 24.21
CA ASP B 239 -29.71 14.51 25.08
C ASP B 239 -28.47 13.64 25.20
N ARG B 240 -28.44 12.81 26.24
CA ARG B 240 -27.31 11.91 26.44
C ARG B 240 -27.52 10.75 25.48
N ALA B 241 -26.42 10.23 24.95
CA ALA B 241 -26.50 9.11 24.02
C ALA B 241 -25.30 8.18 24.18
N ASP B 242 -25.44 6.98 23.66
CA ASP B 242 -24.38 5.98 23.71
C ASP B 242 -23.64 6.06 22.37
N VAL B 243 -22.37 6.44 22.41
CA VAL B 243 -21.57 6.55 21.19
C VAL B 243 -21.19 5.16 20.70
N VAL B 244 -21.66 4.78 19.51
CA VAL B 244 -21.36 3.48 18.95
C VAL B 244 -19.96 3.37 18.34
N ASP B 245 -19.55 4.36 17.57
CA ASP B 245 -18.20 4.36 16.99
C ASP B 245 -17.78 5.77 16.60
N MET B 246 -16.48 5.96 16.43
CA MET B 246 -15.92 7.26 16.09
C MET B 246 -14.70 7.00 15.21
N LYS B 247 -14.61 7.69 14.09
CA LYS B 247 -13.51 7.50 13.15
C LYS B 247 -13.01 8.78 12.50
N TRP B 248 -11.71 8.84 12.22
CA TRP B 248 -11.10 10.00 11.57
C TRP B 248 -11.00 9.84 10.05
N SER B 249 -11.21 10.91 9.30
CA SER B 249 -11.09 10.83 7.85
C SER B 249 -9.60 10.58 7.59
N THR B 250 -9.25 10.13 6.37
CA THR B 250 -7.86 9.81 6.07
C THR B 250 -6.86 10.95 6.18
N ASP B 251 -7.32 12.20 6.02
CA ASP B 251 -6.43 13.35 6.13
C ASP B 251 -6.52 13.99 7.51
N GLY B 252 -7.44 13.49 8.33
CA GLY B 252 -7.62 14.01 9.67
C GLY B 252 -8.36 15.33 9.72
N SER B 253 -9.05 15.66 8.64
CA SER B 253 -9.78 16.92 8.56
C SER B 253 -11.18 16.80 9.15
N LYS B 254 -11.73 15.60 9.12
CA LYS B 254 -13.07 15.37 9.65
C LYS B 254 -13.07 14.21 10.63
N LEU B 255 -14.12 14.14 11.45
CA LEU B 255 -14.27 13.10 12.46
C LEU B 255 -15.72 12.67 12.35
N ALA B 256 -15.96 11.37 12.26
CA ALA B 256 -17.34 10.88 12.16
C ALA B 256 -17.72 10.19 13.46
N VAL B 257 -18.96 10.40 13.90
CA VAL B 257 -19.44 9.79 15.13
C VAL B 257 -20.85 9.28 14.90
N VAL B 258 -21.17 8.15 15.50
CA VAL B 258 -22.53 7.62 15.39
C VAL B 258 -22.89 7.16 16.80
N SER B 259 -24.16 7.27 17.16
CA SER B 259 -24.62 6.89 18.50
C SER B 259 -25.86 6.01 18.40
N ASP B 260 -26.36 5.55 19.54
CA ASP B 260 -27.55 4.70 19.55
C ASP B 260 -28.77 5.53 19.14
N LYS B 261 -28.58 6.83 18.97
CA LYS B 261 -29.66 7.72 18.52
C LYS B 261 -29.79 7.42 17.03
N TRP B 262 -28.71 6.88 16.47
CA TRP B 262 -28.60 6.50 15.07
C TRP B 262 -28.54 7.63 14.06
N THR B 263 -27.79 8.65 14.43
CA THR B 263 -27.57 9.82 13.59
C THR B 263 -26.06 9.90 13.33
N LEU B 264 -25.68 9.86 12.06
CA LEU B 264 -24.26 9.94 11.71
C LEU B 264 -23.83 11.40 11.65
N HIS B 265 -22.88 11.77 12.49
CA HIS B 265 -22.38 13.14 12.55
C HIS B 265 -20.97 13.28 11.99
N VAL B 266 -20.76 14.28 11.16
CA VAL B 266 -19.43 14.52 10.61
C VAL B 266 -18.99 15.87 11.18
N PHE B 267 -17.97 15.85 12.04
CA PHE B 267 -17.47 17.07 12.64
C PHE B 267 -16.23 17.53 11.87
N GLU B 268 -16.10 18.83 11.63
CA GLU B 268 -14.94 19.34 10.90
C GLU B 268 -13.84 19.88 11.82
N ILE B 269 -12.65 19.30 11.71
CA ILE B 269 -11.52 19.73 12.52
C ILE B 269 -10.80 20.87 11.79
N PHE B 270 -10.75 20.77 10.46
CA PHE B 270 -10.14 21.81 9.64
C PHE B 270 -10.55 21.66 8.17
N ASN B 271 -10.27 22.65 7.35
CA ASN B 271 -10.63 22.59 5.92
C ASN B 271 -9.68 23.39 5.05
N ASP B 272 -9.78 23.19 3.74
CA ASP B 272 -8.95 23.91 2.77
C ASP B 272 -9.36 25.38 2.65
N GLN B 290 -15.44 27.02 23.03
CA GLN B 290 -16.23 27.22 21.83
C GLN B 290 -16.65 25.89 21.18
N SER B 291 -17.71 25.28 21.72
CA SER B 291 -18.22 24.01 21.18
C SER B 291 -18.79 24.21 19.78
N GLU B 292 -18.40 23.34 18.86
CA GLU B 292 -18.92 23.43 17.49
C GLU B 292 -19.91 22.30 17.28
N TRP B 293 -20.73 22.41 16.24
CA TRP B 293 -21.70 21.36 15.94
C TRP B 293 -21.22 20.65 14.69
N SER B 294 -21.89 19.57 14.32
CA SER B 294 -21.48 18.81 13.15
C SER B 294 -21.60 19.57 11.83
N LEU B 295 -20.59 19.44 10.98
CA LEU B 295 -20.57 20.08 9.67
C LEU B 295 -21.82 19.67 8.90
N CYS B 296 -22.23 18.42 9.09
CA CYS B 296 -23.42 17.88 8.44
C CYS B 296 -23.74 16.56 9.11
N ASN B 297 -24.89 15.99 8.81
CA ASN B 297 -25.27 14.75 9.45
C ASN B 297 -26.30 13.98 8.64
N PHE B 298 -26.53 12.73 9.01
CA PHE B 298 -27.44 11.85 8.30
C PHE B 298 -28.20 10.97 9.29
N LYS B 299 -29.48 10.74 9.02
CA LYS B 299 -30.30 9.90 9.90
C LYS B 299 -30.29 8.48 9.35
N LEU B 300 -29.67 7.56 10.09
CA LEU B 300 -29.58 6.19 9.67
C LEU B 300 -30.89 5.47 9.99
N SER B 301 -31.42 4.77 8.99
CA SER B 301 -32.67 4.04 9.16
C SER B 301 -32.38 2.63 9.67
N VAL B 302 -32.41 2.47 10.99
CA VAL B 302 -32.16 1.19 11.62
C VAL B 302 -33.45 0.68 12.27
N ASP B 303 -33.46 -0.59 12.66
CA ASP B 303 -34.64 -1.16 13.29
C ASP B 303 -34.36 -1.61 14.71
N LYS B 304 -35.05 -2.67 15.15
CA LYS B 304 -34.86 -3.19 16.50
C LYS B 304 -33.71 -4.18 16.58
N HIS B 305 -33.65 -5.09 15.60
CA HIS B 305 -32.61 -6.12 15.55
C HIS B 305 -31.19 -5.56 15.62
N VAL B 306 -31.03 -4.32 15.16
CA VAL B 306 -29.72 -3.65 15.15
C VAL B 306 -29.00 -3.60 16.49
N ARG B 307 -27.82 -4.21 16.54
CA ARG B 307 -27.02 -4.20 17.76
C ARG B 307 -26.25 -2.88 17.74
N GLY B 308 -25.25 -2.82 16.85
CA GLY B 308 -24.44 -1.63 16.70
C GLY B 308 -23.88 -1.61 15.29
N CYS B 309 -22.75 -0.94 15.10
CA CYS B 309 -22.14 -0.88 13.78
C CYS B 309 -20.72 -0.38 13.91
N LYS B 310 -20.01 -0.34 12.80
CA LYS B 310 -18.64 0.13 12.75
C LYS B 310 -18.51 1.00 11.52
N ILE B 311 -17.75 2.07 11.63
CA ILE B 311 -17.57 2.98 10.50
C ILE B 311 -16.10 3.10 10.16
N ALA B 312 -15.82 3.61 8.96
CA ALA B 312 -14.46 3.78 8.51
C ALA B 312 -14.41 4.70 7.29
N TRP B 313 -13.50 5.67 7.33
CA TRP B 313 -13.34 6.58 6.21
C TRP B 313 -12.46 5.89 5.19
N ILE B 314 -12.81 6.03 3.92
CA ILE B 314 -12.07 5.40 2.84
C ILE B 314 -11.39 6.45 1.98
N SER B 315 -11.52 7.71 2.38
CA SER B 315 -10.92 8.86 1.69
C SER B 315 -11.06 10.04 2.65
N GLU B 316 -10.92 11.25 2.13
CA GLU B 316 -11.07 12.41 3.01
C GLU B 316 -12.51 12.91 3.06
N SER B 317 -13.36 12.41 2.16
CA SER B 317 -14.75 12.83 2.12
C SER B 317 -15.78 11.69 2.07
N SER B 318 -15.31 10.44 1.98
CA SER B 318 -16.22 9.30 1.95
C SER B 318 -15.91 8.37 3.11
N LEU B 319 -16.92 7.64 3.54
CA LEU B 319 -16.77 6.70 4.64
C LEU B 319 -17.80 5.58 4.52
N VAL B 320 -17.56 4.48 5.22
CA VAL B 320 -18.50 3.36 5.15
C VAL B 320 -19.01 3.00 6.54
N VAL B 321 -20.19 2.38 6.58
CA VAL B 321 -20.77 1.91 7.83
C VAL B 321 -21.05 0.42 7.61
N VAL B 322 -20.58 -0.41 8.53
CA VAL B 322 -20.80 -1.85 8.43
C VAL B 322 -21.83 -2.31 9.45
N TRP B 323 -22.92 -2.92 8.98
CA TRP B 323 -23.96 -3.43 9.86
C TRP B 323 -23.84 -4.95 10.01
N PRO B 324 -23.28 -5.42 11.12
CA PRO B 324 -23.11 -6.86 11.36
C PRO B 324 -24.40 -7.69 11.41
N HIS B 325 -25.49 -7.10 11.88
CA HIS B 325 -26.76 -7.83 11.94
C HIS B 325 -27.26 -8.27 10.56
N THR B 326 -26.91 -7.52 9.52
CA THR B 326 -27.35 -7.86 8.17
C THR B 326 -26.19 -8.01 7.20
N ARG B 327 -24.96 -7.99 7.71
CA ARG B 327 -23.77 -8.11 6.89
C ARG B 327 -23.89 -7.19 5.69
N MET B 328 -24.22 -5.95 5.96
CA MET B 328 -24.40 -4.94 4.92
C MET B 328 -23.41 -3.80 5.12
N ILE B 329 -22.86 -3.30 4.03
CA ILE B 329 -21.92 -2.18 4.11
C ILE B 329 -22.39 -1.04 3.20
N GLU B 330 -22.65 0.11 3.81
CA GLU B 330 -23.12 1.29 3.07
C GLU B 330 -22.02 2.33 2.95
N THR B 331 -21.97 2.98 1.80
CA THR B 331 -20.94 3.99 1.54
C THR B 331 -21.59 5.38 1.53
N PHE B 332 -21.05 6.30 2.33
CA PHE B 332 -21.58 7.65 2.41
C PHE B 332 -20.55 8.67 1.96
N LYS B 333 -21.02 9.72 1.29
CA LYS B 333 -20.13 10.76 0.80
C LYS B 333 -20.53 12.14 1.36
N VAL B 334 -19.52 12.93 1.70
CA VAL B 334 -19.73 14.26 2.24
C VAL B 334 -19.53 15.28 1.14
N VAL B 335 -20.61 15.91 0.70
CA VAL B 335 -20.54 16.90 -0.36
C VAL B 335 -21.20 18.24 0.01
N PHE B 336 -20.69 19.31 -0.58
CA PHE B 336 -21.20 20.65 -0.36
C PHE B 336 -22.10 21.01 -1.53
N ASP B 337 -23.41 21.10 -1.27
CA ASP B 337 -24.38 21.44 -2.28
C ASP B 337 -24.28 22.94 -2.58
N ASP B 338 -24.10 23.29 -3.85
CA ASP B 338 -23.98 24.70 -4.22
C ASP B 338 -25.33 25.39 -4.33
N GLU B 339 -26.34 24.65 -4.78
CA GLU B 339 -27.69 25.18 -4.93
C GLU B 339 -28.34 25.49 -3.57
N MET B 340 -27.67 25.12 -2.48
CA MET B 340 -28.17 25.38 -1.14
C MET B 340 -27.07 25.90 -0.25
N GLU B 341 -25.84 25.95 -0.79
CA GLU B 341 -24.68 26.40 -0.02
C GLU B 341 -24.73 25.71 1.33
N ARG B 342 -24.96 24.40 1.29
CA ARG B 342 -25.09 23.60 2.50
C ARG B 342 -24.33 22.27 2.39
N TRP B 343 -23.81 21.80 3.53
CA TRP B 343 -23.09 20.53 3.57
C TRP B 343 -24.05 19.39 3.87
N LEU B 344 -23.92 18.31 3.11
CA LEU B 344 -24.81 17.17 3.33
C LEU B 344 -24.10 15.84 3.10
N ILE B 345 -24.70 14.79 3.65
CA ILE B 345 -24.16 13.44 3.54
C ILE B 345 -25.11 12.59 2.73
N GLN B 346 -24.64 12.04 1.62
CA GLN B 346 -25.49 11.21 0.78
C GLN B 346 -25.09 9.74 0.81
N MET B 347 -26.08 8.84 0.83
CA MET B 347 -25.77 7.42 0.81
C MET B 347 -25.47 7.13 -0.65
N ASP B 348 -24.19 6.91 -0.94
CA ASP B 348 -23.73 6.67 -2.31
C ASP B 348 -23.88 5.24 -2.83
N GLN B 349 -23.91 4.25 -1.96
CA GLN B 349 -23.99 2.88 -2.44
C GLN B 349 -24.15 1.90 -1.29
N ARG B 350 -24.62 0.69 -1.60
CA ARG B 350 -24.78 -0.32 -0.58
C ARG B 350 -24.62 -1.71 -1.17
N GLU B 351 -23.91 -2.57 -0.43
CA GLU B 351 -23.64 -3.94 -0.86
C GLU B 351 -23.66 -4.85 0.36
N GLN B 352 -23.75 -6.15 0.11
CA GLN B 352 -23.72 -7.10 1.22
C GLN B 352 -22.42 -7.88 1.20
N LEU B 353 -21.89 -8.15 2.38
CA LEU B 353 -20.67 -8.91 2.53
C LEU B 353 -21.07 -10.38 2.40
N MET B 354 -20.95 -10.89 1.18
CA MET B 354 -21.33 -12.26 0.83
C MET B 354 -20.54 -13.33 1.58
N ILE B 355 -21.20 -14.46 1.85
CA ILE B 355 -20.57 -15.57 2.53
C ILE B 355 -20.79 -16.87 1.74
#